data_6RSC
#
_entry.id   6RSC
#
_cell.length_a   88.674
_cell.length_b   173.849
_cell.length_c   42.883
_cell.angle_alpha   90.000
_cell.angle_beta   90.000
_cell.angle_gamma   90.000
#
_symmetry.space_group_name_H-M   'P 21 21 21'
#
loop_
_entity.id
_entity.type
_entity.pdbx_description
1 polymer 'Tyrosine-protein kinase JAK1'
2 non-polymer 1-[4-(cyanomethyl)-1-[(4-phenylphenyl)methyl]piperidin-4-yl]-3-(cyclopropylcarbonylamino)pyrazole-4-carboxamide
3 water water
#
_entity_poly.entity_id   1
_entity_poly.type   'polypeptide(L)'
_entity_poly.pdbx_seq_one_letter_code
;GDIVSEKKPATEVDPTHFEKRFLKRIRDLGEGHFGKVELCRYDPEGDNTGEQVAVKSLKPESGGNHIADLKKEIEILRNL
YHENIVKYKGICTEDGGNGIKLIMEFLPSGSLKEYLPKNKNKINLKQQLKYAVQICKGMDYLGSRQYVHRDLAARNVLVE
SEHQVKIGDFGLTKAIETDKE(PTR)(PTR)TVKDDRDSPVFWYAPECLMQSKFYIASDVWSFGVTLHELLTYCDSDSSP
MALFLKMIGPTHGQMTVTRLVNTLKEGKRLPCPPNCPDEVYQLMRKCWEFQPSNRTSFQNLIEGFEALLK
;
_entity_poly.pdbx_strand_id   A,B
#
loop_
_chem_comp.id
_chem_comp.type
_chem_comp.name
_chem_comp.formula
KH5 non-polymer 1-[4-(cyanomethyl)-1-[(4-phenylphenyl)methyl]piperidin-4-yl]-3-(cyclopropylcarbonylamino)pyrazole-4-carboxamide 'C28 H30 N6 O2'
#
# COMPACT_ATOMS: atom_id res chain seq x y z
N VAL A 13 26.64 25.15 -36.36
CA VAL A 13 26.63 23.90 -35.54
C VAL A 13 26.20 24.29 -34.12
N ASP A 14 25.07 23.77 -33.66
CA ASP A 14 24.56 24.00 -32.29
C ASP A 14 25.31 23.04 -31.37
N PRO A 15 26.08 23.49 -30.37
CA PRO A 15 26.83 22.60 -29.48
C PRO A 15 25.93 21.80 -28.53
N THR A 16 24.63 22.13 -28.48
CA THR A 16 23.63 21.41 -27.63
C THR A 16 22.86 20.41 -28.51
N HIS A 17 23.23 20.23 -29.80
CA HIS A 17 22.59 19.28 -30.74
C HIS A 17 23.48 18.04 -30.89
N PHE A 18 23.10 16.91 -30.31
CA PHE A 18 23.88 15.65 -30.37
C PHE A 18 23.24 14.77 -31.45
N GLU A 19 23.97 14.44 -32.50
CA GLU A 19 23.50 13.52 -33.56
C GLU A 19 23.50 12.08 -33.06
N LYS A 20 22.42 11.35 -33.28
CA LYS A 20 22.30 9.91 -32.90
C LYS A 20 23.43 9.08 -33.51
N ARG A 21 23.88 9.42 -34.73
CA ARG A 21 24.79 8.48 -35.42
C ARG A 21 26.13 8.52 -34.69
N PHE A 22 26.38 9.55 -33.89
CA PHE A 22 27.68 9.67 -33.15
C PHE A 22 27.52 9.34 -31.66
N LEU A 23 26.31 9.03 -31.17
CA LEU A 23 26.07 8.80 -29.72
C LEU A 23 26.21 7.29 -29.44
N LYS A 24 27.38 6.86 -29.04
CA LYS A 24 27.62 5.39 -28.89
C LYS A 24 27.26 4.98 -27.47
N ARG A 25 26.24 4.11 -27.32
CA ARG A 25 25.81 3.62 -25.99
C ARG A 25 26.97 2.81 -25.38
N ILE A 26 27.31 3.01 -24.10
CA ILE A 26 28.31 2.12 -23.42
C ILE A 26 27.59 1.18 -22.42
N ARG A 27 26.94 1.71 -21.37
CA ARG A 27 26.24 0.85 -20.39
C ARG A 27 25.18 1.65 -19.65
N ASP A 28 24.33 0.92 -18.93
CA ASP A 28 23.22 1.51 -18.15
C ASP A 28 23.82 2.09 -16.89
N LEU A 29 23.40 3.29 -16.52
CA LEU A 29 23.74 3.84 -15.18
C LEU A 29 22.53 3.70 -14.26
N GLY A 30 21.32 3.76 -14.80
CA GLY A 30 20.10 3.66 -14.01
C GLY A 30 18.89 3.30 -14.85
N GLU A 31 17.90 2.76 -14.17
CA GLU A 31 16.68 2.32 -14.86
C GLU A 31 15.49 2.59 -13.96
N GLY A 32 14.46 3.21 -14.54
CA GLY A 32 13.14 3.26 -13.90
C GLY A 32 12.15 2.41 -14.67
N HIS A 33 10.91 2.60 -14.29
CA HIS A 33 9.71 1.94 -14.84
C HIS A 33 9.65 2.27 -16.34
N PHE A 34 9.90 3.53 -16.75
CA PHE A 34 9.56 4.05 -18.10
C PHE A 34 10.80 4.48 -18.92
N GLY A 35 11.98 4.47 -18.29
CA GLY A 35 13.16 4.86 -19.06
C GLY A 35 14.45 4.57 -18.35
N LYS A 36 15.53 5.02 -18.97
CA LYS A 36 16.84 4.75 -18.36
C LYS A 36 17.76 5.98 -18.45
N VAL A 37 18.84 5.92 -17.67
CA VAL A 37 19.98 6.82 -17.95
C VAL A 37 21.12 5.91 -18.35
N GLU A 38 21.81 6.20 -19.44
CA GLU A 38 22.90 5.36 -20.03
C GLU A 38 24.16 6.19 -20.16
N LEU A 39 25.30 5.54 -19.90
CA LEU A 39 26.62 6.11 -20.29
C LEU A 39 26.80 5.88 -21.78
N CYS A 40 27.08 6.97 -22.50
CA CYS A 40 27.36 7.03 -23.95
C CYS A 40 28.67 7.77 -24.17
N ARG A 41 29.32 7.52 -25.29
CA ARG A 41 30.38 8.42 -25.77
C ARG A 41 29.87 9.16 -27.01
N TYR A 42 29.90 10.49 -26.97
CA TYR A 42 29.60 11.29 -28.16
C TYR A 42 30.87 11.41 -29.01
N ASP A 43 30.96 10.59 -30.05
CA ASP A 43 32.25 10.36 -30.75
C ASP A 43 32.16 10.74 -32.23
N PRO A 44 31.99 12.02 -32.58
CA PRO A 44 31.92 12.39 -33.99
C PRO A 44 33.13 12.00 -34.87
N GLU A 45 34.33 11.89 -34.30
CA GLU A 45 35.56 11.56 -35.08
C GLU A 45 35.73 10.04 -35.25
N GLY A 46 35.05 9.22 -34.46
CA GLY A 46 34.95 7.77 -34.72
C GLY A 46 36.14 7.04 -34.14
N ASP A 47 36.92 7.67 -33.27
CA ASP A 47 38.21 7.09 -32.83
C ASP A 47 38.22 6.93 -31.31
N ASN A 48 37.09 7.17 -30.63
CA ASN A 48 36.96 6.91 -29.18
C ASN A 48 37.62 8.02 -28.36
N THR A 49 37.77 9.22 -28.91
CA THR A 49 38.35 10.37 -28.17
C THR A 49 37.24 11.32 -27.71
N GLY A 50 36.00 11.15 -28.15
CA GLY A 50 34.86 11.97 -27.71
C GLY A 50 34.59 11.88 -26.21
N GLU A 51 33.77 12.78 -25.75
CA GLU A 51 33.46 12.93 -24.34
C GLU A 51 32.42 11.88 -23.95
N GLN A 52 32.55 11.38 -22.73
CA GLN A 52 31.50 10.58 -22.09
C GLN A 52 30.37 11.52 -21.63
N VAL A 53 29.12 11.08 -21.79
CA VAL A 53 27.90 11.85 -21.42
C VAL A 53 26.92 10.88 -20.79
N ALA A 54 26.06 11.40 -19.89
CA ALA A 54 24.95 10.61 -19.30
C ALA A 54 23.71 10.97 -20.11
N VAL A 55 22.99 9.95 -20.55
CA VAL A 55 21.85 10.10 -21.51
C VAL A 55 20.59 9.50 -20.94
N LYS A 56 19.59 10.36 -20.70
CA LYS A 56 18.24 9.96 -20.27
C LYS A 56 17.35 9.76 -21.48
N SER A 57 16.72 8.60 -21.54
CA SER A 57 15.77 8.30 -22.61
C SER A 57 14.62 7.39 -22.11
N LEU A 58 13.55 7.39 -22.89
CA LEU A 58 12.36 6.54 -22.64
C LEU A 58 12.57 5.13 -23.18
N LYS A 59 12.08 4.12 -22.46
CA LYS A 59 11.91 2.76 -23.03
C LYS A 59 10.94 2.80 -24.22
N PRO A 60 11.11 1.91 -25.23
CA PRO A 60 10.24 1.88 -26.40
C PRO A 60 8.73 1.82 -26.11
N GLU A 61 8.28 0.80 -25.37
CA GLU A 61 6.85 0.60 -24.97
C GLU A 61 6.42 1.78 -24.07
N SER A 62 6.90 3.00 -24.39
CA SER A 62 7.01 4.20 -23.50
C SER A 62 5.76 4.36 -22.63
N GLY A 63 4.69 4.95 -23.17
CA GLY A 63 3.39 5.13 -22.50
C GLY A 63 2.85 6.56 -22.62
N GLY A 64 1.64 6.77 -22.10
CA GLY A 64 0.78 7.95 -22.27
C GLY A 64 1.53 9.28 -22.20
N ASN A 65 1.79 9.78 -20.98
CA ASN A 65 2.27 11.16 -20.72
C ASN A 65 3.80 11.23 -20.62
N HIS A 66 4.50 10.10 -20.78
CA HIS A 66 5.95 10.01 -20.41
C HIS A 66 6.76 10.95 -21.30
N ILE A 67 6.49 11.01 -22.60
CA ILE A 67 7.24 11.90 -23.55
C ILE A 67 7.03 13.36 -23.11
N ALA A 68 5.79 13.77 -22.89
CA ALA A 68 5.48 15.14 -22.44
C ALA A 68 6.30 15.43 -21.17
N ASP A 69 6.41 14.43 -20.28
CA ASP A 69 7.01 14.70 -18.94
C ASP A 69 8.52 14.82 -19.10
N LEU A 70 9.11 13.99 -19.98
CA LEU A 70 10.58 14.07 -20.22
C LEU A 70 10.89 15.40 -20.92
N LYS A 71 10.03 15.83 -21.83
CA LYS A 71 10.27 17.11 -22.52
C LYS A 71 10.16 18.24 -21.49
N LYS A 72 9.34 18.09 -20.44
CA LYS A 72 9.23 19.13 -19.35
C LYS A 72 10.51 19.04 -18.53
N GLU A 73 10.98 17.83 -18.33
CA GLU A 73 12.18 17.66 -17.47
C GLU A 73 13.35 18.32 -18.15
N ILE A 74 13.49 18.09 -19.45
CA ILE A 74 14.56 18.70 -20.26
C ILE A 74 14.52 20.23 -20.17
N GLU A 75 13.36 20.83 -20.28
CA GLU A 75 13.26 22.29 -20.23
C GLU A 75 13.61 22.77 -18.82
N ILE A 76 13.28 21.96 -17.80
CA ILE A 76 13.59 22.35 -16.40
C ILE A 76 15.11 22.40 -16.26
N LEU A 77 15.79 21.36 -16.59
CA LEU A 77 17.26 21.26 -16.36
C LEU A 77 18.04 22.24 -17.25
N ARG A 78 17.67 22.39 -18.51
CA ARG A 78 18.23 23.36 -19.50
C ARG A 78 18.42 24.76 -18.85
N ASN A 79 17.53 25.13 -17.96
CA ASN A 79 17.47 26.51 -17.43
C ASN A 79 17.82 26.59 -15.94
N LEU A 80 18.28 25.47 -15.36
CA LEU A 80 18.95 25.46 -14.04
C LEU A 80 20.46 25.65 -14.27
N TYR A 81 21.05 26.61 -13.54
CA TYR A 81 22.50 26.92 -13.58
C TYR A 81 22.95 27.11 -12.15
N HIS A 82 23.58 26.09 -11.56
CA HIS A 82 23.98 26.14 -10.16
C HIS A 82 25.11 25.15 -10.01
N GLU A 83 26.13 25.48 -9.24
CA GLU A 83 27.32 24.63 -9.15
C GLU A 83 26.98 23.27 -8.53
N ASN A 84 25.90 23.14 -7.82
CA ASN A 84 25.44 21.88 -7.15
C ASN A 84 24.23 21.25 -7.85
N ILE A 85 24.05 21.52 -9.13
CA ILE A 85 23.09 20.91 -10.07
C ILE A 85 23.84 20.44 -11.32
N VAL A 86 23.65 19.16 -11.62
CA VAL A 86 24.30 18.49 -12.77
C VAL A 86 24.03 19.38 -14.01
N LYS A 87 25.01 19.43 -14.87
CA LYS A 87 25.02 20.32 -16.07
C LYS A 87 24.31 19.63 -17.23
N TYR A 88 23.26 20.28 -17.71
CA TYR A 88 22.67 20.03 -19.05
C TYR A 88 23.75 20.29 -20.14
N LYS A 89 23.82 19.39 -21.12
CA LYS A 89 24.70 19.48 -22.30
C LYS A 89 23.89 19.62 -23.59
N GLY A 90 22.71 19.01 -23.71
CA GLY A 90 21.93 19.13 -24.93
C GLY A 90 20.88 18.09 -25.10
N ILE A 91 20.42 17.90 -26.33
CA ILE A 91 19.42 16.85 -26.61
C ILE A 91 19.82 16.03 -27.84
N CYS A 92 19.21 14.87 -27.98
CA CYS A 92 19.29 14.08 -29.25
C CYS A 92 17.85 13.72 -29.69
N THR A 93 17.39 14.12 -30.89
CA THR A 93 15.98 13.95 -31.33
C THR A 93 15.94 12.93 -32.44
N GLU A 94 14.95 12.03 -32.36
CA GLU A 94 14.61 10.95 -33.32
C GLU A 94 13.54 10.07 -32.66
N GLY A 99 11.33 10.39 -29.97
CA GLY A 99 12.23 9.67 -29.06
C GLY A 99 13.38 10.53 -28.56
N ILE A 100 13.07 11.65 -27.90
CA ILE A 100 14.03 12.70 -27.51
C ILE A 100 14.89 12.13 -26.42
N LYS A 101 16.12 12.62 -26.35
CA LYS A 101 17.11 12.10 -25.35
C LYS A 101 17.71 13.30 -24.64
N LEU A 102 17.78 13.30 -23.32
CA LEU A 102 18.39 14.36 -22.50
C LEU A 102 19.87 13.97 -22.29
N ILE A 103 20.81 14.82 -22.74
CA ILE A 103 22.29 14.62 -22.65
C ILE A 103 22.75 15.44 -21.43
N MET A 104 23.42 14.81 -20.48
CA MET A 104 23.99 15.54 -19.32
C MET A 104 25.49 15.27 -19.24
N GLU A 105 26.19 16.01 -18.39
CA GLU A 105 27.61 15.69 -18.10
C GLU A 105 27.62 14.32 -17.41
N PHE A 106 28.71 13.59 -17.56
CA PHE A 106 28.90 12.32 -16.82
C PHE A 106 29.87 12.55 -15.70
N LEU A 107 29.47 12.13 -14.50
CA LEU A 107 30.26 12.19 -13.24
C LEU A 107 30.64 10.75 -12.89
N PRO A 108 31.90 10.42 -13.17
CA PRO A 108 32.39 9.05 -13.03
C PRO A 108 32.41 8.51 -11.59
N SER A 109 32.47 9.38 -10.57
CA SER A 109 32.32 8.97 -9.14
C SER A 109 30.93 8.43 -8.81
N GLY A 110 29.92 8.72 -9.64
CA GLY A 110 28.55 8.31 -9.35
C GLY A 110 27.92 9.06 -8.15
N SER A 111 26.88 8.42 -7.61
CA SER A 111 26.04 8.96 -6.54
C SER A 111 26.74 8.67 -5.21
N LEU A 112 26.28 9.36 -4.19
CA LEU A 112 26.74 9.14 -2.81
C LEU A 112 26.57 7.66 -2.47
N LYS A 113 25.52 7.02 -3.00
CA LYS A 113 25.28 5.56 -2.74
C LYS A 113 26.48 4.71 -3.26
N GLU A 114 27.10 5.12 -4.35
CA GLU A 114 28.28 4.41 -4.91
C GLU A 114 29.54 4.83 -4.15
N TYR A 115 29.68 6.11 -3.98
CA TYR A 115 30.95 6.76 -3.58
C TYR A 115 31.15 6.61 -2.06
N LEU A 116 30.15 6.89 -1.21
CA LEU A 116 30.49 6.97 0.24
C LEU A 116 30.98 5.62 0.78
N PRO A 117 30.40 4.45 0.42
CA PRO A 117 30.88 3.18 1.00
C PRO A 117 32.34 2.87 0.66
N LYS A 118 32.81 3.38 -0.48
CA LYS A 118 34.18 3.17 -1.03
C LYS A 118 35.14 4.19 -0.42
N ASN A 119 34.69 5.26 0.23
CA ASN A 119 35.56 6.42 0.55
C ASN A 119 35.38 6.87 1.99
N LYS A 120 34.88 6.00 2.88
CA LYS A 120 34.73 6.37 4.32
C LYS A 120 36.01 6.96 4.87
N ASN A 121 37.15 6.39 4.52
CA ASN A 121 38.44 6.77 5.17
C ASN A 121 38.79 8.22 4.82
N LYS A 122 38.39 8.72 3.66
CA LYS A 122 38.78 10.10 3.28
C LYS A 122 37.64 11.09 3.57
N ILE A 123 36.40 10.66 3.80
CA ILE A 123 35.21 11.57 3.94
C ILE A 123 34.88 11.54 5.43
N ASN A 124 35.29 12.58 6.15
CA ASN A 124 35.06 12.73 7.60
C ASN A 124 33.83 13.59 7.84
N LEU A 125 33.48 13.86 9.09
CA LEU A 125 32.24 14.60 9.36
C LEU A 125 32.31 15.99 8.71
N LYS A 126 33.46 16.68 8.77
CA LYS A 126 33.52 18.02 8.18
C LYS A 126 33.14 17.95 6.70
N GLN A 127 33.70 16.99 5.96
CA GLN A 127 33.36 16.82 4.52
C GLN A 127 31.86 16.47 4.38
N GLN A 128 31.32 15.61 5.25
CA GLN A 128 29.87 15.29 5.20
C GLN A 128 29.04 16.59 5.40
N LEU A 129 29.40 17.44 6.30
CA LEU A 129 28.57 18.67 6.53
C LEU A 129 28.73 19.59 5.31
N LYS A 130 29.93 19.70 4.73
CA LYS A 130 30.08 20.52 3.47
C LYS A 130 29.15 19.95 2.40
N TYR A 131 29.09 18.64 2.27
CA TYR A 131 28.20 18.08 1.22
C TYR A 131 26.75 18.41 1.59
N ALA A 132 26.42 18.38 2.87
CA ALA A 132 25.06 18.77 3.31
C ALA A 132 24.82 20.21 2.88
N VAL A 133 25.78 21.10 3.11
CA VAL A 133 25.61 22.51 2.72
C VAL A 133 25.37 22.60 1.22
N GLN A 134 26.09 21.81 0.43
CA GLN A 134 26.02 21.96 -1.05
C GLN A 134 24.66 21.44 -1.57
N ILE A 135 24.17 20.35 -0.98
CA ILE A 135 22.79 19.87 -1.28
C ILE A 135 21.77 20.96 -0.92
N CYS A 136 21.87 21.60 0.22
CA CYS A 136 20.85 22.59 0.65
C CYS A 136 20.89 23.81 -0.30
N LYS A 137 22.06 24.23 -0.73
CA LYS A 137 22.18 25.36 -1.70
C LYS A 137 21.55 25.00 -3.02
N GLY A 138 21.77 23.80 -3.51
CA GLY A 138 21.12 23.34 -4.74
C GLY A 138 19.62 23.31 -4.60
N MET A 139 19.17 22.74 -3.50
CA MET A 139 17.71 22.66 -3.20
C MET A 139 17.12 24.07 -3.03
N ASP A 140 17.81 25.01 -2.42
CA ASP A 140 17.26 26.33 -2.12
C ASP A 140 17.21 27.09 -3.45
N TYR A 141 18.11 26.79 -4.39
CA TYR A 141 18.08 27.38 -5.74
C TYR A 141 16.86 26.88 -6.51
N LEU A 142 16.55 25.60 -6.39
CA LEU A 142 15.37 24.95 -7.04
C LEU A 142 14.08 25.51 -6.44
N GLY A 143 13.98 25.58 -5.11
CA GLY A 143 12.88 26.26 -4.39
C GLY A 143 12.68 27.70 -4.81
N SER A 144 13.77 28.43 -5.01
CA SER A 144 13.82 29.85 -5.48
C SER A 144 13.18 30.01 -6.87
N ARG A 145 13.26 28.95 -7.70
CA ARG A 145 12.66 28.85 -9.05
C ARG A 145 11.28 28.20 -9.06
N GLN A 146 10.64 28.03 -7.90
CA GLN A 146 9.25 27.52 -7.68
C GLN A 146 9.12 26.06 -8.13
N TYR A 147 10.18 25.24 -7.91
CA TYR A 147 10.14 23.77 -8.12
C TYR A 147 10.13 23.03 -6.81
N VAL A 148 9.37 21.96 -6.78
CA VAL A 148 9.49 20.88 -5.77
C VAL A 148 10.15 19.67 -6.49
N HIS A 149 11.18 19.09 -5.88
CA HIS A 149 12.01 18.02 -6.48
C HIS A 149 11.29 16.67 -6.36
N ARG A 150 10.81 16.36 -5.17
CA ARG A 150 10.00 15.12 -4.90
C ARG A 150 10.83 13.82 -4.99
N ASP A 151 12.15 13.84 -5.06
CA ASP A 151 12.93 12.57 -5.17
C ASP A 151 14.32 12.76 -4.58
N LEU A 152 14.43 13.61 -3.58
CA LEU A 152 15.78 13.95 -3.05
C LEU A 152 16.24 12.77 -2.17
N ALA A 153 17.21 12.02 -2.68
CA ALA A 153 17.77 10.82 -2.01
C ALA A 153 19.24 10.78 -2.40
N ALA A 154 20.09 10.12 -1.61
CA ALA A 154 21.54 9.90 -1.88
C ALA A 154 21.81 9.31 -3.25
N ARG A 155 20.96 8.45 -3.77
CA ARG A 155 21.13 7.88 -5.12
C ARG A 155 20.97 8.97 -6.19
N ASN A 156 20.43 10.15 -5.83
CA ASN A 156 20.25 11.27 -6.83
C ASN A 156 21.23 12.43 -6.56
N VAL A 157 22.21 12.21 -5.70
CA VAL A 157 23.28 13.18 -5.37
C VAL A 157 24.59 12.64 -5.92
N LEU A 158 25.11 13.33 -6.93
CA LEU A 158 26.29 12.88 -7.65
C LEU A 158 27.53 13.56 -7.05
N VAL A 159 28.65 12.88 -7.21
CA VAL A 159 29.96 13.30 -6.62
C VAL A 159 30.74 13.85 -7.82
N GLU A 160 31.02 15.15 -7.81
CA GLU A 160 31.87 15.78 -8.86
C GLU A 160 33.34 15.50 -8.53
N SER A 161 33.68 15.61 -7.26
CA SER A 161 35.03 15.52 -6.68
C SER A 161 34.84 15.23 -5.20
N GLU A 162 35.92 14.89 -4.53
CA GLU A 162 35.91 14.72 -3.08
C GLU A 162 35.29 15.99 -2.49
N HIS A 163 35.50 17.17 -3.08
CA HIS A 163 35.06 18.48 -2.49
C HIS A 163 33.68 18.97 -3.00
N GLN A 164 32.98 18.29 -3.90
CA GLN A 164 31.75 18.86 -4.54
C GLN A 164 30.74 17.75 -4.90
N VAL A 165 29.47 18.00 -4.54
CA VAL A 165 28.31 17.20 -4.99
C VAL A 165 27.37 18.05 -5.83
N LYS A 166 26.64 17.32 -6.67
CA LYS A 166 25.56 17.93 -7.47
C LYS A 166 24.32 17.03 -7.44
N ILE A 167 23.16 17.68 -7.37
CA ILE A 167 21.85 17.02 -7.56
C ILE A 167 21.77 16.64 -9.05
N GLY A 168 21.63 15.34 -9.34
CA GLY A 168 21.92 14.73 -10.67
C GLY A 168 20.71 14.12 -11.34
N ASP A 169 19.50 14.29 -10.85
CA ASP A 169 18.24 13.77 -11.49
C ASP A 169 17.08 14.62 -11.10
N PHE A 170 16.24 14.90 -12.11
CA PHE A 170 15.01 15.75 -11.96
C PHE A 170 13.74 15.10 -12.51
N GLY A 171 13.67 13.78 -12.48
CA GLY A 171 12.64 12.94 -13.11
C GLY A 171 11.27 13.18 -12.48
N LEU A 172 11.20 13.66 -11.23
CA LEU A 172 9.91 13.95 -10.57
C LEU A 172 9.69 15.44 -10.29
N THR A 173 10.56 16.34 -10.73
CA THR A 173 10.55 17.77 -10.43
C THR A 173 9.30 18.38 -11.10
N LYS A 174 8.61 19.22 -10.32
CA LYS A 174 7.42 19.96 -10.78
C LYS A 174 7.46 21.40 -10.28
N ALA A 175 6.76 22.22 -11.08
CA ALA A 175 6.53 23.66 -10.88
C ALA A 175 5.39 23.75 -9.87
N ILE A 176 5.59 24.49 -8.80
CA ILE A 176 4.49 24.94 -7.91
C ILE A 176 3.90 26.18 -8.56
N GLU A 177 2.61 26.13 -8.82
CA GLU A 177 1.88 27.31 -9.34
C GLU A 177 2.18 28.52 -8.44
N THR A 178 2.46 29.67 -9.08
CA THR A 178 2.35 31.05 -8.52
C THR A 178 1.12 31.10 -7.59
N ASP A 179 1.30 31.52 -6.33
CA ASP A 179 0.20 31.72 -5.34
C ASP A 179 -0.42 30.36 -4.94
N LYS A 180 0.29 29.25 -5.16
CA LYS A 180 0.05 27.95 -4.47
C LYS A 180 1.30 27.63 -3.65
N GLU A 181 1.16 26.72 -2.67
CA GLU A 181 2.25 26.27 -1.75
C GLU A 181 2.67 24.82 -2.04
N PTR A 182 1.84 24.05 -2.77
CA PTR A 182 2.13 22.65 -3.03
C PTR A 182 1.70 22.27 -4.43
O PTR A 182 0.89 22.97 -5.04
CB PTR A 182 1.45 21.72 -2.01
CG PTR A 182 -0.06 21.84 -1.97
CD1 PTR A 182 -0.71 22.60 -1.00
CD2 PTR A 182 -0.81 21.16 -2.88
CE1 PTR A 182 -2.09 22.70 -0.98
CE2 PTR A 182 -2.19 21.24 -2.89
CZ PTR A 182 -2.81 22.00 -1.92
OH PTR A 182 -4.21 21.99 -2.04
P PTR A 182 -5.15 23.02 -1.35
O1P PTR A 182 -5.02 22.81 0.15
O2P PTR A 182 -6.49 22.68 -1.88
O3P PTR A 182 -4.78 24.42 -1.73
N PTR A 183 2.22 21.12 -4.89
CA PTR A 183 1.77 20.47 -6.10
C PTR A 183 1.05 19.17 -5.72
O PTR A 183 1.58 18.36 -4.96
CB PTR A 183 2.98 20.27 -7.03
CG PTR A 183 2.66 19.43 -8.23
CD1 PTR A 183 2.92 18.08 -8.23
CD2 PTR A 183 2.06 19.99 -9.34
CE1 PTR A 183 2.59 17.27 -9.30
CE2 PTR A 183 1.71 19.23 -10.44
CZ PTR A 183 1.98 17.87 -10.39
OH PTR A 183 1.65 17.00 -11.46
P PTR A 183 1.04 17.49 -12.86
O1P PTR A 183 0.69 16.23 -13.57
O2P PTR A 183 -0.14 18.39 -12.66
O3P PTR A 183 2.17 18.23 -13.53
N THR A 184 -0.15 18.91 -6.26
CA THR A 184 -0.83 17.65 -5.97
C THR A 184 -0.45 16.59 -7.00
N VAL A 185 0.02 15.40 -6.58
CA VAL A 185 0.43 14.36 -7.57
C VAL A 185 -0.67 13.31 -7.73
N LYS A 186 -0.69 12.68 -8.92
CA LYS A 186 -1.65 11.60 -9.30
C LYS A 186 -0.88 10.32 -9.67
N ASP A 187 0.21 10.36 -10.45
CA ASP A 187 1.00 9.13 -10.74
C ASP A 187 1.99 8.94 -9.59
N ASP A 188 1.75 7.95 -8.70
CA ASP A 188 2.42 7.79 -7.38
C ASP A 188 2.84 6.34 -7.05
N ARG A 189 2.49 5.36 -7.89
CA ARG A 189 2.68 3.93 -7.54
C ARG A 189 4.19 3.68 -7.34
N ASP A 190 5.07 4.45 -8.01
CA ASP A 190 6.54 4.23 -7.88
C ASP A 190 7.17 5.23 -6.90
N SER A 191 6.44 5.74 -5.91
CA SER A 191 6.93 6.74 -4.91
C SER A 191 8.01 6.16 -3.98
N PRO A 192 9.09 6.94 -3.71
CA PRO A 192 10.12 6.55 -2.74
C PRO A 192 9.55 6.88 -1.35
N VAL A 193 8.67 6.01 -0.85
CA VAL A 193 7.88 6.32 0.37
C VAL A 193 8.75 6.49 1.61
N PHE A 194 9.91 5.83 1.68
CA PHE A 194 10.73 5.92 2.93
C PHE A 194 11.47 7.27 2.99
N TRP A 195 11.29 8.13 1.98
CA TRP A 195 11.84 9.51 1.89
C TRP A 195 10.75 10.58 1.98
N TYR A 196 9.50 10.16 2.11
CA TYR A 196 8.33 11.07 1.93
C TYR A 196 7.79 11.52 3.28
N ALA A 197 7.46 12.81 3.30
CA ALA A 197 6.73 13.50 4.37
C ALA A 197 5.29 12.94 4.46
N PRO A 198 4.71 12.93 5.68
CA PRO A 198 3.36 12.43 5.93
C PRO A 198 2.31 13.05 4.98
N GLU A 199 2.41 14.33 4.64
CA GLU A 199 1.42 15.03 3.77
C GLU A 199 1.55 14.47 2.34
N CYS A 200 2.71 13.93 1.96
CA CYS A 200 2.91 13.26 0.64
C CYS A 200 2.28 11.87 0.69
N LEU A 201 2.44 11.12 1.79
CA LEU A 201 1.94 9.73 1.97
C LEU A 201 0.41 9.70 2.14
N MET A 202 -0.13 10.76 2.74
CA MET A 202 -1.54 10.78 3.17
C MET A 202 -2.40 11.46 2.09
N GLN A 203 -1.90 12.49 1.41
CA GLN A 203 -2.72 13.37 0.52
C GLN A 203 -2.07 13.60 -0.84
N SER A 204 -0.91 12.99 -1.10
CA SER A 204 -0.13 13.21 -2.35
C SER A 204 0.02 14.73 -2.60
N LYS A 205 0.25 15.50 -1.53
CA LYS A 205 0.58 16.94 -1.65
C LYS A 205 2.07 17.16 -1.38
N PHE A 206 2.74 17.96 -2.22
CA PHE A 206 4.22 18.19 -2.20
C PHE A 206 4.52 19.69 -2.16
N TYR A 207 5.02 20.08 -0.98
CA TYR A 207 5.48 21.42 -0.59
C TYR A 207 7.02 21.43 -0.64
N ILE A 208 7.58 22.62 -0.78
CA ILE A 208 9.04 22.82 -0.56
C ILE A 208 9.42 22.16 0.77
N ALA A 209 8.60 22.27 1.81
CA ALA A 209 8.81 21.68 3.15
C ALA A 209 8.84 20.17 3.06
N SER A 210 8.25 19.61 2.01
CA SER A 210 8.28 18.16 1.77
C SER A 210 9.71 17.78 1.34
N ASP A 211 10.38 18.64 0.55
CA ASP A 211 11.77 18.42 0.07
C ASP A 211 12.73 18.57 1.25
N VAL A 212 12.38 19.40 2.23
CA VAL A 212 13.14 19.52 3.47
C VAL A 212 13.10 18.19 4.21
N TRP A 213 11.92 17.57 4.38
CA TRP A 213 11.78 16.25 5.03
C TRP A 213 12.69 15.27 4.26
N SER A 214 12.58 15.18 2.92
CA SER A 214 13.47 14.26 2.14
C SER A 214 14.96 14.56 2.36
N PHE A 215 15.32 15.85 2.46
CA PHE A 215 16.72 16.28 2.73
C PHE A 215 17.16 15.68 4.05
N GLY A 216 16.31 15.72 5.04
CA GLY A 216 16.68 15.13 6.37
C GLY A 216 17.01 13.63 6.23
N VAL A 217 16.25 12.90 5.41
CA VAL A 217 16.47 11.44 5.17
C VAL A 217 17.79 11.30 4.43
N THR A 218 18.00 12.16 3.45
CA THR A 218 19.24 12.12 2.60
C THR A 218 20.44 12.40 3.53
N LEU A 219 20.35 13.34 4.46
CA LEU A 219 21.41 13.62 5.48
C LEU A 219 21.71 12.34 6.26
N HIS A 220 20.67 11.67 6.74
CA HIS A 220 20.82 10.37 7.46
C HIS A 220 21.66 9.38 6.61
N GLU A 221 21.33 9.20 5.32
CA GLU A 221 22.07 8.38 4.33
C GLU A 221 23.52 8.83 4.32
N LEU A 222 23.75 10.14 4.20
CA LEU A 222 25.14 10.66 4.08
C LEU A 222 25.93 10.32 5.34
N LEU A 223 25.29 10.51 6.48
CA LEU A 223 25.88 10.28 7.81
C LEU A 223 26.07 8.78 8.07
N THR A 224 25.37 7.88 7.36
CA THR A 224 25.61 6.41 7.48
C THR A 224 26.46 5.88 6.29
N TYR A 225 27.11 6.76 5.53
CA TYR A 225 27.86 6.44 4.28
C TYR A 225 27.05 5.50 3.38
N CYS A 226 25.72 5.71 3.30
CA CYS A 226 24.82 4.95 2.43
C CYS A 226 24.96 3.45 2.63
N ASP A 227 25.25 2.97 3.85
CA ASP A 227 25.38 1.51 4.05
C ASP A 227 23.99 0.94 3.89
N SER A 228 23.86 -0.12 3.09
CA SER A 228 22.52 -0.70 2.79
C SER A 228 21.79 -1.19 4.06
N ASP A 229 22.50 -1.72 5.08
CA ASP A 229 21.91 -2.27 6.33
C ASP A 229 21.46 -1.09 7.23
N SER A 230 21.80 0.18 6.95
CA SER A 230 21.12 1.27 7.69
C SER A 230 20.41 2.25 6.74
N SER A 231 20.02 1.79 5.54
CA SER A 231 19.17 2.58 4.61
C SER A 231 17.86 2.95 5.31
N PRO A 232 17.25 4.10 4.89
CA PRO A 232 15.90 4.49 5.29
C PRO A 232 14.91 3.33 5.15
N MET A 233 14.92 2.62 4.02
CA MET A 233 14.01 1.48 3.84
C MET A 233 14.34 0.35 4.85
N ALA A 234 15.58 -0.11 4.94
CA ALA A 234 15.93 -1.18 5.93
C ALA A 234 15.53 -0.73 7.34
N LEU A 235 15.77 0.53 7.72
CA LEU A 235 15.53 0.92 9.14
C LEU A 235 14.03 1.05 9.41
N PHE A 236 13.26 1.55 8.46
CA PHE A 236 11.79 1.70 8.62
C PHE A 236 11.11 0.33 8.59
N LEU A 237 11.54 -0.60 7.76
CA LEU A 237 10.95 -1.94 7.69
C LEU A 237 11.22 -2.69 8.98
N LYS A 238 12.38 -2.49 9.63
CA LYS A 238 12.69 -3.13 10.91
C LYS A 238 11.81 -2.47 11.98
N MET A 239 11.52 -1.17 11.86
CA MET A 239 10.56 -0.52 12.79
C MET A 239 9.15 -1.09 12.58
N ILE A 240 8.65 -1.23 11.34
CA ILE A 240 7.14 -1.29 11.19
C ILE A 240 6.39 -2.65 11.23
N GLY A 241 6.92 -3.80 10.77
N GLY A 241 7.00 -3.82 11.13
CA GLY A 241 8.09 -3.96 9.92
CA GLY A 241 8.10 -4.18 10.26
C GLY A 241 7.73 -4.56 8.55
C GLY A 241 7.78 -5.57 9.73
N PRO A 242 8.41 -5.62 8.04
N PRO A 242 6.68 -6.18 10.23
CA PRO A 242 8.19 -6.00 6.65
CA PRO A 242 5.92 -7.20 9.52
C PRO A 242 6.82 -6.71 6.49
C PRO A 242 4.63 -6.60 8.90
N THR A 243 5.71 -5.94 6.35
N THR A 243 4.41 -6.87 7.61
CA THR A 243 4.25 -6.32 6.51
CA THR A 243 3.41 -6.15 6.76
C THR A 243 3.60 -6.68 5.16
C THR A 243 3.65 -6.47 5.27
N HIS A 244 2.91 -5.79 4.39
CA HIS A 244 2.55 -6.06 2.95
C HIS A 244 2.83 -4.97 1.89
N GLY A 245 3.11 -5.44 0.68
CA GLY A 245 3.21 -4.57 -0.53
C GLY A 245 1.89 -3.87 -0.79
N GLN A 246 0.96 -3.93 0.21
CA GLN A 246 -0.33 -3.17 0.25
C GLN A 246 -0.61 -2.34 1.56
N MET A 247 -0.34 -2.87 2.75
CA MET A 247 -0.45 -2.09 4.04
C MET A 247 0.86 -1.38 4.51
N THR A 248 2.01 -1.56 3.86
CA THR A 248 3.30 -0.97 4.32
C THR A 248 3.17 0.54 4.54
N VAL A 249 2.64 1.27 3.54
CA VAL A 249 2.59 2.76 3.60
C VAL A 249 1.70 3.21 4.75
N THR A 250 0.55 2.56 5.06
CA THR A 250 -0.37 2.99 6.16
C THR A 250 0.23 2.74 7.60
N ARG A 251 0.87 1.57 7.75
CA ARG A 251 1.80 1.36 8.96
C ARG A 251 2.91 2.45 9.08
N LEU A 252 3.56 2.81 7.97
CA LEU A 252 4.63 3.87 8.00
C LEU A 252 4.02 5.20 8.47
N VAL A 253 2.89 5.56 7.87
CA VAL A 253 2.16 6.78 8.30
C VAL A 253 1.86 6.70 9.79
N ASN A 254 1.40 5.54 10.25
CA ASN A 254 1.03 5.40 11.68
C ASN A 254 2.30 5.58 12.53
N THR A 255 3.39 4.88 12.18
CA THR A 255 4.71 5.00 12.86
C THR A 255 5.09 6.48 13.02
N LEU A 256 5.00 7.25 11.93
CA LEU A 256 5.36 8.70 11.92
C LEU A 256 4.37 9.51 12.75
N LYS A 257 3.06 9.22 12.67
CA LYS A 257 2.01 9.87 13.53
C LYS A 257 2.44 9.77 15.01
N GLU A 258 2.84 8.57 15.41
CA GLU A 258 3.16 8.26 16.82
C GLU A 258 4.44 9.00 17.23
N GLY A 259 5.24 9.49 16.29
CA GLY A 259 6.40 10.34 16.58
C GLY A 259 7.72 9.64 16.30
N LYS A 260 7.69 8.41 15.81
CA LYS A 260 8.90 7.59 15.58
C LYS A 260 9.68 8.19 14.40
N ARG A 261 11.00 8.23 14.56
CA ARG A 261 11.91 8.72 13.51
C ARG A 261 13.15 7.82 13.40
N LEU A 262 13.90 8.00 12.31
CA LEU A 262 15.13 7.22 12.07
C LEU A 262 16.05 7.61 13.23
N PRO A 263 16.78 6.63 13.81
CA PRO A 263 17.63 6.92 14.96
C PRO A 263 18.87 7.72 14.54
N CYS A 264 19.55 8.34 15.52
CA CYS A 264 20.84 9.04 15.31
C CYS A 264 21.86 8.06 14.72
N PRO A 265 22.48 8.41 13.57
CA PRO A 265 23.53 7.61 12.94
C PRO A 265 24.69 7.40 13.92
N PRO A 266 25.29 6.21 13.94
CA PRO A 266 26.45 5.99 14.79
C PRO A 266 27.42 7.15 14.55
N ASN A 267 28.06 7.58 15.64
CA ASN A 267 29.09 8.64 15.56
C ASN A 267 28.52 10.03 15.22
N CYS A 268 27.23 10.19 14.91
CA CYS A 268 26.65 11.52 14.55
C CYS A 268 26.46 12.32 15.83
N PRO A 269 27.00 13.55 15.93
CA PRO A 269 26.87 14.33 17.16
C PRO A 269 25.40 14.76 17.29
N ASP A 270 24.99 15.04 18.51
CA ASP A 270 23.57 15.35 18.77
C ASP A 270 23.23 16.66 18.05
N GLU A 271 24.17 17.57 17.93
CA GLU A 271 23.85 18.90 17.34
C GLU A 271 23.57 18.71 15.85
N VAL A 272 24.11 17.67 15.22
CA VAL A 272 23.78 17.39 13.82
C VAL A 272 22.44 16.67 13.80
N TYR A 273 22.24 15.71 14.69
CA TYR A 273 20.95 14.98 14.74
C TYR A 273 19.83 15.98 14.99
N GLN A 274 20.09 17.05 15.72
CA GLN A 274 18.99 18.04 16.03
C GLN A 274 18.64 18.84 14.74
N LEU A 275 19.60 19.18 13.89
CA LEU A 275 19.26 19.79 12.56
C LEU A 275 18.44 18.79 11.74
N MET A 276 18.79 17.51 11.78
CA MET A 276 18.07 16.47 11.01
C MET A 276 16.60 16.34 11.52
N ARG A 277 16.42 16.25 12.83
CA ARG A 277 15.05 16.20 13.41
C ARG A 277 14.22 17.43 13.05
N LYS A 278 14.80 18.61 12.84
CA LYS A 278 13.96 19.80 12.47
C LYS A 278 13.41 19.61 11.06
N CYS A 279 13.98 18.70 10.31
CA CYS A 279 13.46 18.35 8.96
C CYS A 279 12.17 17.55 9.09
N TRP A 280 11.94 16.89 10.23
CA TRP A 280 10.97 15.77 10.33
C TRP A 280 9.87 16.13 11.29
N GLU A 281 9.57 17.40 11.43
CA GLU A 281 8.38 17.84 12.15
C GLU A 281 7.17 17.36 11.33
N PHE A 282 6.15 16.86 12.00
CA PHE A 282 4.98 16.25 11.33
C PHE A 282 4.34 17.30 10.43
N GLN A 283 4.16 18.53 10.91
CA GLN A 283 3.48 19.62 10.16
C GLN A 283 4.51 20.31 9.29
N PRO A 284 4.26 20.44 7.97
CA PRO A 284 5.17 21.19 7.09
C PRO A 284 5.55 22.59 7.61
N SER A 285 4.61 23.35 8.19
CA SER A 285 4.92 24.74 8.57
C SER A 285 5.91 24.74 9.75
N ASN A 286 6.13 23.62 10.44
CA ASN A 286 6.97 23.57 11.67
C ASN A 286 8.40 23.14 11.35
N ARG A 287 8.64 22.74 10.12
CA ARG A 287 9.97 22.20 9.71
C ARG A 287 10.91 23.37 9.48
N THR A 288 12.21 23.19 9.74
CA THR A 288 13.26 24.13 9.28
C THR A 288 13.15 24.32 7.75
N SER A 289 13.77 25.40 7.24
CA SER A 289 14.04 25.73 5.81
C SER A 289 15.45 25.29 5.39
N PHE A 290 15.75 25.33 4.09
CA PHE A 290 17.12 25.11 3.58
C PHE A 290 18.09 26.24 3.99
N GLN A 291 17.63 27.48 4.04
CA GLN A 291 18.58 28.56 4.39
C GLN A 291 18.94 28.41 5.87
N ASN A 292 18.02 27.92 6.70
CA ASN A 292 18.27 27.68 8.15
C ASN A 292 19.26 26.53 8.38
N LEU A 293 19.08 25.48 7.60
CA LEU A 293 19.96 24.29 7.63
C LEU A 293 21.36 24.76 7.25
N ILE A 294 21.51 25.57 6.18
CA ILE A 294 22.86 26.03 5.72
C ILE A 294 23.51 26.78 6.90
N GLU A 295 22.76 27.70 7.47
CA GLU A 295 23.26 28.48 8.63
C GLU A 295 23.73 27.53 9.73
N GLY A 296 22.90 26.58 10.13
CA GLY A 296 23.26 25.66 11.23
C GLY A 296 24.52 24.83 10.90
N PHE A 297 24.69 24.37 9.66
CA PHE A 297 25.90 23.58 9.28
C PHE A 297 27.11 24.49 9.29
N GLU A 298 26.93 25.71 8.80
CA GLU A 298 28.05 26.68 8.72
C GLU A 298 28.50 27.00 10.16
N ALA A 299 27.58 27.13 11.11
CA ALA A 299 27.94 27.37 12.53
C ALA A 299 28.80 26.20 13.04
N LEU A 300 28.40 24.97 12.72
CA LEU A 300 29.13 23.76 13.16
C LEU A 300 30.50 23.68 12.48
N LEU A 301 30.67 24.20 11.26
CA LEU A 301 31.95 24.07 10.49
C LEU A 301 32.99 25.11 10.95
N LYS A 302 32.55 26.16 11.63
CA LYS A 302 33.41 27.16 12.30
C LYS A 302 34.04 26.54 13.55
N VAL B 13 -17.35 -45.16 19.13
CA VAL B 13 -17.05 -44.43 17.89
C VAL B 13 -17.35 -42.96 18.15
N ASP B 14 -16.42 -42.08 17.79
CA ASP B 14 -16.66 -40.63 17.82
C ASP B 14 -17.23 -40.16 16.47
N PRO B 15 -18.47 -39.64 16.44
CA PRO B 15 -19.11 -39.19 15.19
C PRO B 15 -18.47 -37.95 14.55
N THR B 16 -17.57 -37.28 15.31
CA THR B 16 -16.86 -36.07 14.87
C THR B 16 -15.42 -36.42 14.46
N HIS B 17 -15.06 -37.70 14.46
CA HIS B 17 -13.73 -38.18 13.98
C HIS B 17 -13.90 -38.77 12.57
N PHE B 18 -13.36 -38.12 11.57
CA PHE B 18 -13.31 -38.55 10.16
C PHE B 18 -11.97 -39.26 9.91
N GLU B 19 -12.02 -40.50 9.47
CA GLU B 19 -10.81 -41.25 9.07
C GLU B 19 -10.38 -40.80 7.68
N LYS B 20 -9.12 -40.39 7.56
CA LYS B 20 -8.46 -40.00 6.30
C LYS B 20 -8.75 -41.03 5.21
N ARG B 21 -8.71 -42.33 5.52
CA ARG B 21 -8.80 -43.36 4.47
C ARG B 21 -10.19 -43.37 3.81
N PHE B 22 -11.22 -42.77 4.41
CA PHE B 22 -12.57 -42.77 3.78
C PHE B 22 -12.98 -41.39 3.25
N LEU B 23 -12.09 -40.40 3.35
CA LEU B 23 -12.41 -39.04 2.92
C LEU B 23 -11.93 -38.88 1.48
N LYS B 24 -12.81 -39.01 0.51
CA LYS B 24 -12.41 -39.06 -0.93
C LYS B 24 -12.63 -37.67 -1.50
N ARG B 25 -11.59 -37.12 -2.11
CA ARG B 25 -11.61 -35.80 -2.82
C ARG B 25 -12.56 -35.86 -4.00
N ILE B 26 -13.41 -34.85 -4.15
CA ILE B 26 -14.20 -34.64 -5.40
C ILE B 26 -13.55 -33.46 -6.14
N ARG B 27 -13.35 -32.32 -5.48
CA ARG B 27 -12.79 -31.13 -6.16
C ARG B 27 -12.55 -30.00 -5.16
N ASP B 28 -11.87 -28.94 -5.62
CA ASP B 28 -11.66 -27.71 -4.83
C ASP B 28 -12.89 -26.80 -4.79
N LEU B 29 -13.17 -26.22 -3.63
CA LEU B 29 -14.23 -25.19 -3.44
C LEU B 29 -13.58 -23.81 -3.38
N GLY B 30 -12.37 -23.73 -2.83
CA GLY B 30 -11.70 -22.44 -2.55
C GLY B 30 -10.21 -22.65 -2.19
N GLU B 31 -9.43 -21.56 -2.28
CA GLU B 31 -7.98 -21.53 -1.94
C GLU B 31 -7.63 -20.15 -1.38
N GLY B 32 -6.98 -20.10 -0.22
CA GLY B 32 -6.00 -19.07 0.17
C GLY B 32 -4.68 -19.42 -0.49
N HIS B 33 -3.53 -18.90 -0.03
CA HIS B 33 -2.19 -19.39 -0.51
C HIS B 33 -1.50 -20.17 0.61
N PHE B 34 -2.15 -20.36 1.77
CA PHE B 34 -1.74 -21.27 2.86
C PHE B 34 -2.59 -22.56 2.90
N GLY B 35 -3.76 -22.57 2.27
CA GLY B 35 -4.52 -23.85 2.22
C GLY B 35 -5.74 -23.76 1.35
N LYS B 36 -6.63 -24.75 1.51
CA LYS B 36 -7.78 -24.86 0.61
C LYS B 36 -9.00 -25.40 1.35
N VAL B 37 -10.11 -25.26 0.65
CA VAL B 37 -11.39 -25.90 1.06
C VAL B 37 -11.82 -26.80 -0.09
N GLU B 38 -11.97 -28.11 0.15
CA GLU B 38 -12.27 -29.14 -0.87
C GLU B 38 -13.62 -29.77 -0.57
N LEU B 39 -14.37 -30.13 -1.63
CA LEU B 39 -15.53 -31.03 -1.53
C LEU B 39 -14.92 -32.42 -1.47
N CYS B 40 -15.29 -33.19 -0.46
CA CYS B 40 -15.03 -34.64 -0.36
C CYS B 40 -16.32 -35.40 -0.10
N ARG B 41 -16.28 -36.70 -0.34
CA ARG B 41 -17.33 -37.59 0.16
C ARG B 41 -16.68 -38.37 1.29
N TYR B 42 -17.28 -38.32 2.49
CA TYR B 42 -16.89 -39.28 3.55
C TYR B 42 -17.57 -40.63 3.26
N ASP B 43 -16.80 -41.63 2.75
CA ASP B 43 -17.45 -42.81 2.15
C ASP B 43 -16.95 -44.07 2.83
N PRO B 44 -17.17 -44.28 4.14
CA PRO B 44 -16.66 -45.50 4.78
C PRO B 44 -17.16 -46.85 4.21
N GLU B 45 -18.24 -46.88 3.42
CA GLU B 45 -18.78 -48.12 2.80
C GLU B 45 -18.21 -48.32 1.40
N GLY B 46 -17.43 -47.37 0.87
CA GLY B 46 -16.75 -47.46 -0.43
C GLY B 46 -17.72 -47.57 -1.59
N ASP B 47 -18.98 -47.11 -1.50
CA ASP B 47 -19.92 -47.30 -2.64
C ASP B 47 -20.46 -45.96 -3.16
N ASN B 48 -19.89 -44.85 -2.67
CA ASN B 48 -20.25 -43.50 -3.13
C ASN B 48 -21.58 -43.08 -2.55
N THR B 49 -22.00 -43.65 -1.42
CA THR B 49 -23.29 -43.23 -0.79
C THR B 49 -23.07 -42.30 0.40
N GLY B 50 -21.83 -42.13 0.85
CA GLY B 50 -21.44 -41.25 1.96
C GLY B 50 -21.86 -39.80 1.80
N GLU B 51 -21.94 -39.09 2.90
CA GLU B 51 -22.25 -37.64 2.87
C GLU B 51 -21.09 -36.88 2.20
N GLN B 52 -21.45 -35.85 1.43
CA GLN B 52 -20.53 -34.78 0.96
C GLN B 52 -20.27 -33.77 2.10
N VAL B 53 -19.00 -33.42 2.29
CA VAL B 53 -18.54 -32.49 3.33
C VAL B 53 -17.52 -31.52 2.69
N ALA B 54 -17.43 -30.34 3.25
CA ALA B 54 -16.41 -29.33 2.95
C ALA B 54 -15.29 -29.47 3.98
N VAL B 55 -14.08 -29.49 3.49
CA VAL B 55 -12.86 -29.91 4.24
C VAL B 55 -11.81 -28.84 4.07
N LYS B 56 -11.44 -28.22 5.17
CA LYS B 56 -10.44 -27.17 5.17
C LYS B 56 -9.13 -27.76 5.66
N SER B 57 -8.07 -27.54 4.91
CA SER B 57 -6.75 -28.10 5.18
C SER B 57 -5.65 -27.15 4.71
N LEU B 58 -4.46 -27.38 5.24
CA LEU B 58 -3.29 -26.54 4.87
C LEU B 58 -2.54 -27.20 3.73
N LYS B 59 -1.95 -26.40 2.84
CA LYS B 59 -0.80 -26.84 1.98
C LYS B 59 0.29 -27.51 2.85
N PRO B 60 1.08 -28.48 2.34
CA PRO B 60 2.24 -29.08 3.05
C PRO B 60 3.15 -28.25 3.97
N HIS B 66 0.35 -21.16 11.21
CA HIS B 66 -0.81 -21.55 10.37
C HIS B 66 -1.53 -22.78 10.98
N ILE B 67 -0.80 -23.85 11.29
CA ILE B 67 -1.38 -25.03 12.02
C ILE B 67 -2.05 -24.59 13.32
N ALA B 68 -1.34 -23.84 14.16
CA ALA B 68 -1.94 -23.31 15.40
C ALA B 68 -3.17 -22.48 15.03
N ASP B 69 -3.12 -21.72 13.95
CA ASP B 69 -4.24 -20.83 13.60
C ASP B 69 -5.44 -21.68 13.20
N LEU B 70 -5.25 -22.71 12.35
CA LEU B 70 -6.38 -23.58 11.92
C LEU B 70 -6.93 -24.32 13.16
N LYS B 71 -6.07 -24.70 14.11
CA LYS B 71 -6.52 -25.40 15.34
C LYS B 71 -7.42 -24.43 16.12
N LYS B 72 -7.10 -23.13 16.13
CA LYS B 72 -7.91 -22.15 16.91
C LYS B 72 -9.23 -22.01 16.16
N GLU B 73 -9.17 -22.03 14.82
CA GLU B 73 -10.38 -21.73 14.01
C GLU B 73 -11.35 -22.92 14.26
N ILE B 74 -10.77 -24.13 14.23
CA ILE B 74 -11.53 -25.38 14.50
C ILE B 74 -12.27 -25.26 15.83
N GLU B 75 -11.58 -24.76 16.86
CA GLU B 75 -12.12 -24.74 18.21
C GLU B 75 -13.21 -23.64 18.30
N ILE B 76 -13.08 -22.56 17.53
CA ILE B 76 -14.12 -21.50 17.46
C ILE B 76 -15.39 -22.09 16.85
N LEU B 77 -15.26 -22.67 15.68
CA LEU B 77 -16.43 -23.15 14.93
C LEU B 77 -17.11 -24.33 15.65
N ARG B 78 -16.36 -25.17 16.35
CA ARG B 78 -16.89 -26.37 17.06
C ARG B 78 -17.96 -25.95 18.09
N ASN B 79 -17.76 -24.77 18.62
CA ASN B 79 -18.54 -24.24 19.77
C ASN B 79 -19.54 -23.16 19.36
N LEU B 80 -19.64 -22.83 18.07
CA LEU B 80 -20.69 -21.93 17.52
C LEU B 80 -21.87 -22.81 17.13
N TYR B 81 -23.08 -22.51 17.58
CA TYR B 81 -24.30 -23.24 17.15
C TYR B 81 -25.37 -22.19 16.90
N HIS B 82 -25.60 -21.87 15.63
CA HIS B 82 -26.62 -20.85 15.24
C HIS B 82 -27.14 -21.27 13.89
N GLU B 83 -28.39 -21.06 13.60
CA GLU B 83 -28.95 -21.52 12.30
C GLU B 83 -28.32 -20.75 11.15
N ASN B 84 -27.67 -19.59 11.39
CA ASN B 84 -27.04 -18.81 10.29
C ASN B 84 -25.50 -18.87 10.40
N ILE B 85 -24.99 -19.94 10.98
CA ILE B 85 -23.56 -20.29 11.02
C ILE B 85 -23.38 -21.72 10.45
N VAL B 86 -22.49 -21.87 9.47
CA VAL B 86 -22.20 -23.19 8.84
C VAL B 86 -21.90 -24.21 9.97
N LYS B 87 -22.31 -25.45 9.79
CA LYS B 87 -22.18 -26.50 10.81
C LYS B 87 -20.80 -27.14 10.77
N TYR B 88 -20.15 -27.08 11.90
CA TYR B 88 -19.01 -27.99 12.24
C TYR B 88 -19.51 -29.42 12.25
N LYS B 89 -18.75 -30.33 11.64
CA LYS B 89 -19.02 -31.77 11.65
C LYS B 89 -17.92 -32.55 12.36
N GLY B 90 -16.67 -32.12 12.25
CA GLY B 90 -15.57 -32.77 12.96
C GLY B 90 -14.19 -32.47 12.41
N ILE B 91 -13.26 -33.38 12.71
CA ILE B 91 -11.86 -33.23 12.31
C ILE B 91 -11.41 -34.53 11.66
N CYS B 92 -10.35 -34.43 10.87
CA CYS B 92 -9.50 -35.57 10.40
C CYS B 92 -8.07 -35.29 10.89
N THR B 93 -7.47 -36.17 11.68
CA THR B 93 -6.13 -35.95 12.30
C THR B 93 -5.21 -37.01 11.74
N GLU B 94 -4.04 -36.64 11.23
CA GLU B 94 -3.19 -37.52 10.37
C GLU B 94 -2.86 -38.85 11.08
N GLY B 99 -0.78 -32.64 11.62
CA GLY B 99 -1.68 -32.17 10.54
C GLY B 99 -3.13 -32.42 10.93
N ILE B 100 -4.02 -31.56 10.48
CA ILE B 100 -5.43 -31.58 10.94
C ILE B 100 -6.28 -31.02 9.83
N LYS B 101 -7.48 -31.60 9.62
CA LYS B 101 -8.45 -31.08 8.62
C LYS B 101 -9.73 -30.72 9.40
N LEU B 102 -10.37 -29.61 9.05
CA LEU B 102 -11.72 -29.17 9.53
C LEU B 102 -12.82 -29.67 8.59
N ILE B 103 -13.75 -30.46 9.14
CA ILE B 103 -14.89 -31.06 8.41
C ILE B 103 -16.13 -30.19 8.72
N MET B 104 -16.77 -29.70 7.68
CA MET B 104 -17.96 -28.81 7.73
C MET B 104 -19.07 -29.39 6.89
N GLU B 105 -20.33 -28.92 7.10
CA GLU B 105 -21.43 -29.32 6.18
C GLU B 105 -21.10 -28.75 4.79
N PHE B 106 -21.51 -29.40 3.72
CA PHE B 106 -21.43 -28.88 2.34
C PHE B 106 -22.78 -28.25 1.97
N LEU B 107 -22.74 -27.00 1.49
CA LEU B 107 -23.92 -26.21 1.01
C LEU B 107 -23.79 -26.08 -0.50
N PRO B 108 -24.44 -26.98 -1.29
CA PRO B 108 -24.12 -27.07 -2.71
C PRO B 108 -24.49 -25.81 -3.52
N SER B 109 -25.38 -24.94 -3.01
CA SER B 109 -25.66 -23.62 -3.66
C SER B 109 -24.48 -22.66 -3.55
N GLY B 110 -23.49 -22.88 -2.67
CA GLY B 110 -22.30 -22.03 -2.53
C GLY B 110 -22.56 -20.67 -1.93
N SER B 111 -21.69 -19.72 -2.28
CA SER B 111 -21.72 -18.39 -1.65
C SER B 111 -22.75 -17.53 -2.37
N LEU B 112 -23.13 -16.44 -1.72
CA LEU B 112 -23.94 -15.41 -2.40
C LEU B 112 -23.24 -14.91 -3.67
N LYS B 113 -21.90 -14.86 -3.72
CA LYS B 113 -21.18 -14.36 -4.92
C LYS B 113 -21.49 -15.28 -6.13
N GLU B 114 -21.67 -16.58 -5.90
CA GLU B 114 -21.98 -17.60 -6.95
C GLU B 114 -23.51 -17.63 -7.19
N TYR B 115 -24.27 -17.66 -6.11
CA TYR B 115 -25.73 -17.87 -6.15
C TYR B 115 -26.48 -16.64 -6.66
N LEU B 116 -26.22 -15.44 -6.15
CA LEU B 116 -27.01 -14.26 -6.56
C LEU B 116 -26.97 -14.00 -8.08
N PRO B 117 -25.85 -14.04 -8.81
CA PRO B 117 -25.86 -13.69 -10.23
C PRO B 117 -26.73 -14.65 -11.05
N LYS B 118 -26.87 -15.85 -10.51
CA LYS B 118 -27.52 -17.04 -11.12
C LYS B 118 -29.02 -16.97 -10.83
N ASN B 119 -29.49 -16.23 -9.80
CA ASN B 119 -30.87 -16.43 -9.26
C ASN B 119 -31.60 -15.11 -9.10
N LYS B 120 -31.16 -14.09 -9.81
CA LYS B 120 -31.78 -12.76 -9.73
C LYS B 120 -33.29 -12.88 -9.89
N ASN B 121 -33.77 -13.71 -10.82
CA ASN B 121 -35.22 -13.75 -11.11
C ASN B 121 -36.01 -14.25 -9.88
N LYS B 122 -35.45 -15.16 -9.08
CA LYS B 122 -36.15 -15.77 -7.90
C LYS B 122 -36.02 -14.91 -6.62
N ILE B 123 -35.03 -13.99 -6.57
CA ILE B 123 -34.53 -13.37 -5.30
C ILE B 123 -34.84 -11.90 -5.42
N ASN B 124 -35.91 -11.49 -4.79
CA ASN B 124 -36.42 -10.11 -4.90
C ASN B 124 -35.92 -9.33 -3.68
N LEU B 125 -36.35 -8.09 -3.54
CA LEU B 125 -35.85 -7.26 -2.40
C LEU B 125 -36.25 -7.86 -1.05
N LYS B 126 -37.51 -8.24 -0.89
CA LYS B 126 -37.93 -8.87 0.35
C LYS B 126 -36.96 -10.00 0.71
N GLN B 127 -36.62 -10.91 -0.20
CA GLN B 127 -35.67 -12.01 0.10
C GLN B 127 -34.27 -11.48 0.46
N GLN B 128 -33.78 -10.43 -0.22
CA GLN B 128 -32.47 -9.81 0.12
C GLN B 128 -32.50 -9.26 1.56
N LEU B 129 -33.60 -8.64 1.97
CA LEU B 129 -33.65 -8.10 3.34
C LEU B 129 -33.69 -9.24 4.37
N LYS B 130 -34.34 -10.37 4.03
CA LYS B 130 -34.37 -11.54 4.95
C LYS B 130 -32.95 -12.15 5.06
N TYR B 131 -32.22 -12.32 3.96
CA TYR B 131 -30.77 -12.71 4.05
C TYR B 131 -30.04 -11.64 4.86
N ALA B 132 -30.42 -10.36 4.77
CA ALA B 132 -29.58 -9.40 5.53
C ALA B 132 -29.79 -9.67 7.02
N VAL B 133 -31.03 -9.84 7.44
CA VAL B 133 -31.41 -10.09 8.86
C VAL B 133 -30.65 -11.32 9.39
N GLN B 134 -30.57 -12.38 8.58
CA GLN B 134 -29.98 -13.70 8.92
C GLN B 134 -28.46 -13.54 9.11
N ILE B 135 -27.78 -12.79 8.24
CA ILE B 135 -26.34 -12.39 8.36
C ILE B 135 -26.19 -11.58 9.65
N CYS B 136 -27.06 -10.58 9.93
CA CYS B 136 -26.97 -9.80 11.19
C CYS B 136 -27.14 -10.69 12.44
N LYS B 137 -28.08 -11.63 12.43
CA LYS B 137 -28.31 -12.61 13.54
C LYS B 137 -27.09 -13.49 13.71
N GLY B 138 -26.52 -14.00 12.62
CA GLY B 138 -25.31 -14.81 12.70
C GLY B 138 -24.17 -13.99 13.29
N MET B 139 -23.98 -12.73 12.85
CA MET B 139 -22.88 -11.84 13.29
C MET B 139 -23.06 -11.43 14.73
N ASP B 140 -24.29 -11.15 15.13
CA ASP B 140 -24.57 -10.68 16.49
C ASP B 140 -24.34 -11.85 17.48
N TYR B 141 -24.57 -13.11 17.08
CA TYR B 141 -24.31 -14.30 17.90
C TYR B 141 -22.78 -14.43 18.09
N LEU B 142 -22.01 -14.21 17.03
CA LEU B 142 -20.52 -14.22 17.07
C LEU B 142 -20.03 -13.13 18.04
N GLY B 143 -20.50 -11.90 17.84
CA GLY B 143 -20.13 -10.76 18.69
C GLY B 143 -20.44 -11.02 20.14
N SER B 144 -21.57 -11.70 20.41
CA SER B 144 -22.00 -12.01 21.81
C SER B 144 -20.99 -12.98 22.45
N ARG B 145 -20.34 -13.84 21.67
CA ARG B 145 -19.28 -14.76 22.17
C ARG B 145 -17.91 -14.05 22.19
N GLN B 146 -17.85 -12.74 22.05
CA GLN B 146 -16.61 -11.90 22.12
C GLN B 146 -15.68 -12.30 20.97
N TYR B 147 -16.24 -12.46 19.77
CA TYR B 147 -15.44 -12.66 18.55
C TYR B 147 -15.66 -11.52 17.57
N VAL B 148 -14.57 -11.24 16.84
CA VAL B 148 -14.53 -10.35 15.66
C VAL B 148 -14.17 -11.23 14.45
N HIS B 149 -14.98 -11.13 13.40
CA HIS B 149 -14.85 -12.00 12.22
C HIS B 149 -13.72 -11.55 11.32
N ARG B 150 -13.72 -10.25 10.95
CA ARG B 150 -12.66 -9.54 10.17
C ARG B 150 -12.69 -9.95 8.68
N ASP B 151 -13.70 -10.66 8.20
CA ASP B 151 -13.67 -11.13 6.79
C ASP B 151 -15.08 -11.30 6.29
N LEU B 152 -15.98 -10.45 6.73
CA LEU B 152 -17.42 -10.59 6.41
C LEU B 152 -17.58 -10.01 4.99
N ALA B 153 -17.81 -10.89 4.05
CA ALA B 153 -18.13 -10.56 2.65
C ALA B 153 -19.02 -11.65 2.01
N ALA B 154 -19.65 -11.29 0.88
CA ALA B 154 -20.63 -12.14 0.18
C ALA B 154 -20.01 -13.50 -0.13
N ARG B 155 -18.70 -13.53 -0.36
CA ARG B 155 -18.00 -14.77 -0.75
C ARG B 155 -17.92 -15.68 0.46
N ASN B 156 -18.19 -15.16 1.66
CA ASN B 156 -18.17 -15.96 2.91
C ASN B 156 -19.58 -16.18 3.46
N VAL B 157 -20.59 -15.87 2.67
CA VAL B 157 -21.98 -16.14 3.07
C VAL B 157 -22.58 -17.23 2.21
N LEU B 158 -22.88 -18.37 2.82
CA LEU B 158 -23.35 -19.58 2.11
C LEU B 158 -24.87 -19.60 2.07
N VAL B 159 -25.37 -20.11 0.95
CA VAL B 159 -26.82 -20.28 0.66
C VAL B 159 -27.18 -21.71 1.07
N GLU B 160 -27.90 -21.88 2.18
CA GLU B 160 -28.46 -23.19 2.62
C GLU B 160 -29.66 -23.54 1.73
N SER B 161 -30.50 -22.57 1.42
CA SER B 161 -31.70 -22.66 0.54
C SER B 161 -32.07 -21.29 -0.02
N GLU B 162 -33.05 -21.20 -0.91
CA GLU B 162 -33.62 -19.90 -1.27
C GLU B 162 -33.97 -19.05 -0.04
N HIS B 163 -34.38 -19.64 1.06
CA HIS B 163 -34.90 -18.85 2.21
C HIS B 163 -33.87 -18.71 3.32
N GLN B 164 -32.70 -19.30 3.22
CA GLN B 164 -31.74 -19.26 4.36
C GLN B 164 -30.27 -19.17 3.91
N VAL B 165 -29.51 -18.33 4.61
CA VAL B 165 -28.04 -18.22 4.41
C VAL B 165 -27.31 -18.59 5.69
N LYS B 166 -26.03 -18.83 5.56
CA LYS B 166 -25.15 -19.11 6.72
C LYS B 166 -23.80 -18.44 6.49
N ILE B 167 -23.21 -17.87 7.54
CA ILE B 167 -21.77 -17.48 7.51
C ILE B 167 -20.95 -18.76 7.43
N GLY B 168 -20.06 -18.83 6.47
CA GLY B 168 -19.51 -20.13 6.02
C GLY B 168 -18.02 -20.25 6.20
N ASP B 169 -17.34 -19.22 6.69
CA ASP B 169 -15.87 -19.25 6.90
C ASP B 169 -15.49 -18.35 8.07
N PHE B 170 -14.54 -18.82 8.89
CA PHE B 170 -14.03 -18.14 10.11
C PHE B 170 -12.51 -18.14 10.17
N GLY B 171 -11.85 -18.07 9.03
CA GLY B 171 -10.40 -18.04 8.79
C GLY B 171 -9.67 -16.91 9.45
N LEU B 172 -10.34 -15.78 9.67
CA LEU B 172 -9.72 -14.59 10.28
C LEU B 172 -10.33 -14.25 11.63
N THR B 173 -11.21 -15.10 12.16
CA THR B 173 -12.00 -14.81 13.38
C THR B 173 -11.04 -14.84 14.57
N LYS B 174 -11.10 -13.81 15.44
CA LYS B 174 -10.19 -13.60 16.60
C LYS B 174 -11.06 -13.29 17.81
N ALA B 175 -10.65 -13.72 19.01
CA ALA B 175 -11.34 -13.41 20.29
C ALA B 175 -10.91 -11.99 20.69
N ILE B 176 -11.85 -11.20 21.21
CA ILE B 176 -11.61 -9.91 21.89
C ILE B 176 -11.52 -10.20 23.40
N GLU B 177 -10.43 -9.83 24.03
CA GLU B 177 -10.24 -10.09 25.48
C GLU B 177 -11.34 -9.33 26.26
N THR B 178 -11.91 -9.96 27.32
CA THR B 178 -12.84 -9.30 28.30
C THR B 178 -12.28 -7.90 28.62
N ASP B 179 -13.14 -6.87 28.54
CA ASP B 179 -12.83 -5.46 28.90
C ASP B 179 -11.72 -4.87 28.00
N LYS B 180 -11.51 -5.42 26.80
CA LYS B 180 -10.94 -4.70 25.65
C LYS B 180 -12.06 -4.57 24.61
N GLU B 181 -11.88 -3.68 23.63
CA GLU B 181 -12.92 -3.35 22.62
C GLU B 181 -12.50 -3.80 21.22
N PTR B 182 -11.22 -4.09 21.05
CA PTR B 182 -10.70 -4.39 19.73
C PTR B 182 -9.61 -5.45 19.87
O PTR B 182 -9.08 -5.64 20.96
CB PTR B 182 -10.11 -3.13 19.08
CG PTR B 182 -8.97 -2.44 19.77
CD1 PTR B 182 -9.18 -1.31 20.55
CD2 PTR B 182 -7.66 -2.86 19.59
CE1 PTR B 182 -8.14 -0.65 21.18
CE2 PTR B 182 -6.59 -2.23 20.22
CZ PTR B 182 -6.84 -1.12 20.99
OH PTR B 182 -5.74 -0.47 21.56
P PTR B 182 -5.80 0.20 22.94
O1P PTR B 182 -6.20 -0.88 23.90
O2P PTR B 182 -4.45 0.74 23.26
O3P PTR B 182 -6.85 1.30 22.83
N PTR B 183 -9.30 -6.09 18.73
CA PTR B 183 -8.14 -6.95 18.58
C PTR B 183 -7.15 -6.28 17.63
O PTR B 183 -7.55 -5.78 16.57
CB PTR B 183 -8.60 -8.30 18.02
CG PTR B 183 -7.46 -9.18 17.62
CD1 PTR B 183 -7.08 -9.28 16.29
CD2 PTR B 183 -6.78 -9.92 18.58
CE1 PTR B 183 -6.00 -10.07 15.91
CE2 PTR B 183 -5.71 -10.74 18.22
CZ PTR B 183 -5.33 -10.79 16.89
OH PTR B 183 -4.24 -11.56 16.46
P PTR B 183 -3.34 -12.50 17.39
O1P PTR B 183 -2.83 -11.78 18.61
O2P PTR B 183 -2.27 -12.81 16.41
O3P PTR B 183 -4.07 -13.74 17.79
N THR B 184 -5.86 -6.26 17.98
CA THR B 184 -4.90 -5.64 17.09
C THR B 184 -4.23 -6.70 16.22
N VAL B 185 -4.22 -6.49 14.91
CA VAL B 185 -3.70 -7.51 13.95
C VAL B 185 -2.24 -7.24 13.57
N LYS B 186 -1.52 -8.32 13.29
CA LYS B 186 -0.08 -8.30 12.89
C LYS B 186 0.04 -8.71 11.43
N ASP B 187 -0.49 -9.87 11.02
CA ASP B 187 -0.39 -10.29 9.60
C ASP B 187 -1.60 -9.73 8.85
N ASP B 188 -1.36 -8.78 7.95
CA ASP B 188 -2.39 -7.91 7.33
C ASP B 188 -2.18 -7.82 5.80
N ARG B 189 -1.23 -8.57 5.25
CA ARG B 189 -0.70 -8.34 3.88
C ARG B 189 -1.79 -8.79 2.92
N ASP B 190 -2.60 -9.77 3.32
CA ASP B 190 -3.73 -10.24 2.49
C ASP B 190 -5.06 -9.64 2.96
N SER B 191 -5.11 -8.41 3.48
CA SER B 191 -6.36 -7.79 3.99
C SER B 191 -7.36 -7.52 2.85
N PRO B 192 -8.66 -7.86 3.03
CA PRO B 192 -9.71 -7.48 2.09
C PRO B 192 -10.04 -6.00 2.35
N VAL B 193 -9.16 -5.10 1.88
CA VAL B 193 -9.19 -3.66 2.30
C VAL B 193 -10.50 -2.95 1.88
N PHE B 194 -11.14 -3.38 0.79
CA PHE B 194 -12.35 -2.68 0.27
C PHE B 194 -13.55 -2.96 1.17
N TRP B 195 -13.39 -3.84 2.15
CA TRP B 195 -14.44 -4.17 3.13
C TRP B 195 -14.13 -3.63 4.52
N TYR B 196 -12.97 -2.97 4.68
CA TYR B 196 -12.45 -2.63 6.00
C TYR B 196 -12.79 -1.21 6.39
N ALA B 197 -13.14 -1.10 7.66
CA ALA B 197 -13.40 0.17 8.37
C ALA B 197 -12.09 0.95 8.49
N PRO B 198 -12.12 2.30 8.47
CA PRO B 198 -10.88 3.07 8.51
C PRO B 198 -9.86 2.82 9.65
N GLU B 199 -10.35 2.54 10.85
CA GLU B 199 -9.51 2.12 12.01
C GLU B 199 -8.73 0.83 11.69
N CYS B 200 -9.22 -0.05 10.81
CA CYS B 200 -8.52 -1.29 10.40
C CYS B 200 -7.43 -0.93 9.40
N LEU B 201 -7.73 -0.01 8.48
CA LEU B 201 -6.79 0.44 7.41
C LEU B 201 -5.68 1.25 8.09
N MET B 202 -6.07 2.13 9.03
CA MET B 202 -5.14 3.16 9.60
C MET B 202 -4.27 2.56 10.71
N GLN B 203 -4.82 1.71 11.57
CA GLN B 203 -4.15 1.35 12.85
C GLN B 203 -4.18 -0.16 13.11
N SER B 204 -4.72 -0.97 12.19
CA SER B 204 -4.80 -2.45 12.31
C SER B 204 -5.63 -2.83 13.55
N LYS B 205 -6.59 -1.99 13.94
CA LYS B 205 -7.50 -2.27 15.09
C LYS B 205 -8.83 -2.81 14.58
N PHE B 206 -9.27 -3.92 15.19
CA PHE B 206 -10.55 -4.62 14.83
C PHE B 206 -11.49 -4.73 16.01
N TYR B 207 -12.59 -4.01 15.85
CA TYR B 207 -13.71 -3.91 16.79
C TYR B 207 -14.88 -4.64 16.16
N ILE B 208 -15.88 -4.94 17.00
CA ILE B 208 -17.17 -5.46 16.50
C ILE B 208 -17.72 -4.46 15.48
N ALA B 209 -17.71 -3.14 15.79
CA ALA B 209 -18.10 -2.05 14.88
C ALA B 209 -17.37 -2.14 13.52
N SER B 210 -16.18 -2.73 13.50
CA SER B 210 -15.47 -2.97 12.24
C SER B 210 -16.26 -4.03 11.43
N ASP B 211 -16.87 -5.03 12.06
CA ASP B 211 -17.64 -6.10 11.34
C ASP B 211 -18.93 -5.47 10.84
N VAL B 212 -19.49 -4.52 11.56
CA VAL B 212 -20.71 -3.79 11.15
C VAL B 212 -20.36 -3.04 9.87
N TRP B 213 -19.24 -2.35 9.81
CA TRP B 213 -18.80 -1.67 8.58
C TRP B 213 -18.70 -2.73 7.47
N SER B 214 -18.00 -3.86 7.68
CA SER B 214 -17.94 -4.93 6.65
C SER B 214 -19.36 -5.36 6.27
N PHE B 215 -20.28 -5.44 7.22
CA PHE B 215 -21.65 -5.92 6.91
C PHE B 215 -22.26 -4.94 5.93
N GLY B 216 -22.11 -3.62 6.14
CA GLY B 216 -22.64 -2.60 5.18
C GLY B 216 -22.16 -2.86 3.76
N VAL B 217 -20.90 -3.24 3.61
CA VAL B 217 -20.31 -3.52 2.27
C VAL B 217 -20.94 -4.81 1.70
N THR B 218 -21.13 -5.79 2.57
CA THR B 218 -21.72 -7.09 2.20
C THR B 218 -23.16 -6.83 1.77
N LEU B 219 -23.87 -5.93 2.45
CA LEU B 219 -25.25 -5.62 2.08
C LEU B 219 -25.26 -4.97 0.69
N HIS B 220 -24.28 -4.12 0.44
CA HIS B 220 -24.09 -3.47 -0.88
C HIS B 220 -23.91 -4.58 -1.93
N GLU B 221 -23.11 -5.57 -1.69
CA GLU B 221 -22.90 -6.72 -2.63
C GLU B 221 -24.24 -7.43 -2.82
N LEU B 222 -24.93 -7.74 -1.73
CA LEU B 222 -26.19 -8.53 -1.82
C LEU B 222 -27.20 -7.78 -2.69
N LEU B 223 -27.30 -6.46 -2.50
CA LEU B 223 -28.26 -5.61 -3.23
C LEU B 223 -27.88 -5.42 -4.71
N THR B 224 -26.60 -5.59 -5.11
CA THR B 224 -26.08 -5.55 -6.52
C THR B 224 -26.03 -6.97 -7.12
N TYR B 225 -26.56 -7.94 -6.34
CA TYR B 225 -26.55 -9.38 -6.73
C TYR B 225 -25.12 -9.82 -7.06
N CYS B 226 -24.15 -9.31 -6.25
CA CYS B 226 -22.71 -9.60 -6.34
C CYS B 226 -22.26 -9.45 -7.80
N ASP B 227 -22.74 -8.43 -8.54
CA ASP B 227 -22.18 -8.31 -9.92
C ASP B 227 -20.76 -7.75 -9.83
N SER B 228 -19.85 -8.38 -10.56
CA SER B 228 -18.38 -8.14 -10.47
C SER B 228 -18.06 -6.72 -10.89
N ASP B 229 -18.83 -6.12 -11.83
CA ASP B 229 -18.68 -4.73 -12.33
C ASP B 229 -19.23 -3.71 -11.29
N SER B 230 -19.97 -4.10 -10.26
CA SER B 230 -20.25 -3.12 -9.18
C SER B 230 -19.77 -3.67 -7.81
N SER B 231 -18.76 -4.53 -7.81
CA SER B 231 -18.11 -4.95 -6.54
C SER B 231 -17.54 -3.73 -5.80
N PRO B 232 -17.49 -3.83 -4.45
CA PRO B 232 -16.76 -2.89 -3.59
C PRO B 232 -15.36 -2.57 -4.15
N MET B 233 -14.59 -3.55 -4.62
CA MET B 233 -13.26 -3.25 -5.21
C MET B 233 -13.45 -2.43 -6.49
N ALA B 234 -14.16 -2.95 -7.50
CA ALA B 234 -14.39 -2.19 -8.77
C ALA B 234 -14.82 -0.76 -8.47
N LEU B 235 -15.76 -0.56 -7.55
CA LEU B 235 -16.36 0.77 -7.37
C LEU B 235 -15.39 1.67 -6.63
N PHE B 236 -14.72 1.17 -5.59
CA PHE B 236 -13.67 1.96 -4.91
C PHE B 236 -12.51 2.32 -5.89
N LEU B 237 -12.06 1.42 -6.76
CA LEU B 237 -10.94 1.68 -7.70
C LEU B 237 -11.35 2.79 -8.69
N LYS B 238 -12.61 2.76 -9.21
CA LYS B 238 -13.17 3.82 -10.07
C LYS B 238 -13.08 5.14 -9.28
N MET B 239 -13.38 5.12 -7.98
CA MET B 239 -13.41 6.37 -7.16
C MET B 239 -11.99 6.93 -6.98
N ILE B 240 -11.02 6.10 -6.62
CA ILE B 240 -9.67 6.60 -6.17
C ILE B 240 -8.63 6.50 -7.31
N GLY B 241 -8.90 5.73 -8.35
CA GLY B 241 -7.95 5.48 -9.45
C GLY B 241 -7.37 4.07 -9.34
N PRO B 242 -7.31 3.30 -10.46
CA PRO B 242 -6.85 1.92 -10.39
C PRO B 242 -5.33 1.73 -10.49
N THR B 243 -4.54 2.80 -10.56
CA THR B 243 -3.11 2.66 -10.89
C THR B 243 -2.21 3.31 -9.84
N HIS B 244 -2.48 3.05 -8.55
CA HIS B 244 -1.73 3.67 -7.43
C HIS B 244 -0.85 2.63 -6.70
N GLY B 245 -0.92 1.34 -7.06
CA GLY B 245 -0.05 0.30 -6.48
C GLY B 245 -0.06 0.32 -4.96
N GLN B 246 1.15 0.41 -4.35
CA GLN B 246 1.47 0.46 -2.88
C GLN B 246 0.82 1.71 -2.16
N MET B 247 0.43 2.76 -2.94
CA MET B 247 -0.45 3.90 -2.39
C MET B 247 -1.99 3.62 -2.42
N THR B 248 -2.44 2.46 -2.91
CA THR B 248 -3.90 2.20 -3.02
C THR B 248 -4.55 2.44 -1.66
N VAL B 249 -4.03 1.83 -0.61
CA VAL B 249 -4.75 1.87 0.70
C VAL B 249 -4.75 3.29 1.30
N THR B 250 -3.71 4.14 1.13
CA THR B 250 -3.71 5.50 1.73
C THR B 250 -4.71 6.46 1.00
N ARG B 251 -4.72 6.36 -0.32
CA ARG B 251 -5.86 7.02 -1.13
C ARG B 251 -7.25 6.53 -0.68
N LEU B 252 -7.46 5.22 -0.40
CA LEU B 252 -8.80 4.73 0.03
C LEU B 252 -9.13 5.38 1.39
N VAL B 253 -8.18 5.37 2.33
CA VAL B 253 -8.42 5.99 3.67
C VAL B 253 -8.72 7.49 3.49
N ASN B 254 -7.99 8.17 2.61
CA ASN B 254 -8.21 9.59 2.29
C ASN B 254 -9.66 9.80 1.82
N THR B 255 -10.05 9.06 0.77
CA THR B 255 -11.42 9.04 0.21
C THR B 255 -12.45 8.90 1.33
N LEU B 256 -12.31 7.87 2.19
CA LEU B 256 -13.23 7.63 3.33
C LEU B 256 -13.19 8.84 4.28
N LYS B 257 -11.99 9.42 4.55
CA LYS B 257 -11.84 10.67 5.37
C LYS B 257 -12.70 11.82 4.81
N GLU B 258 -12.74 12.00 3.48
CA GLU B 258 -13.53 13.10 2.83
C GLU B 258 -15.03 12.81 2.82
N GLY B 259 -15.52 11.69 3.35
CA GLY B 259 -16.98 11.45 3.45
C GLY B 259 -17.52 10.53 2.37
N LYS B 260 -16.73 10.19 1.35
CA LYS B 260 -17.19 9.43 0.17
C LYS B 260 -17.43 7.97 0.59
N ARG B 261 -18.52 7.40 0.08
CA ARG B 261 -19.01 6.04 0.41
C ARG B 261 -19.42 5.40 -0.90
N LEU B 262 -19.58 4.07 -0.91
CA LEU B 262 -20.20 3.39 -2.07
C LEU B 262 -21.57 4.00 -2.34
N PRO B 263 -21.98 4.14 -3.60
CA PRO B 263 -23.26 4.77 -3.94
C PRO B 263 -24.45 3.82 -3.67
N CYS B 264 -25.68 4.36 -3.64
CA CYS B 264 -26.93 3.57 -3.50
C CYS B 264 -26.96 2.50 -4.59
N PRO B 265 -27.12 1.19 -4.31
CA PRO B 265 -27.32 0.22 -5.38
C PRO B 265 -28.48 0.57 -6.30
N PRO B 266 -28.40 0.22 -7.60
CA PRO B 266 -29.55 0.38 -8.50
C PRO B 266 -30.80 -0.33 -7.94
N ASN B 267 -31.93 0.36 -7.98
CA ASN B 267 -33.22 -0.18 -7.48
C ASN B 267 -33.27 -0.23 -5.96
N CYS B 268 -32.28 0.25 -5.22
CA CYS B 268 -32.28 0.07 -3.73
C CYS B 268 -33.00 1.27 -3.11
N PRO B 269 -34.07 1.06 -2.30
CA PRO B 269 -34.82 2.16 -1.71
C PRO B 269 -33.95 2.98 -0.77
N ASP B 270 -34.29 4.26 -0.66
CA ASP B 270 -33.43 5.16 0.10
C ASP B 270 -33.46 4.68 1.55
N GLU B 271 -34.54 4.16 2.07
CA GLU B 271 -34.47 3.84 3.53
C GLU B 271 -33.65 2.56 3.77
N VAL B 272 -33.47 1.71 2.76
CA VAL B 272 -32.47 0.61 2.91
C VAL B 272 -31.08 1.23 2.85
N TYR B 273 -30.85 2.15 1.90
CA TYR B 273 -29.53 2.77 1.71
C TYR B 273 -29.12 3.51 2.98
N GLN B 274 -30.08 4.09 3.70
CA GLN B 274 -29.80 4.87 4.93
C GLN B 274 -29.32 3.92 6.05
N LEU B 275 -29.86 2.69 6.18
CA LEU B 275 -29.37 1.69 7.17
C LEU B 275 -27.97 1.24 6.79
N MET B 276 -27.70 1.04 5.51
CA MET B 276 -26.33 0.74 5.00
C MET B 276 -25.37 1.86 5.41
N ARG B 277 -25.74 3.13 5.22
CA ARG B 277 -24.85 4.28 5.52
C ARG B 277 -24.53 4.34 7.02
N LYS B 278 -25.41 3.88 7.91
CA LYS B 278 -25.09 3.84 9.36
C LYS B 278 -24.02 2.84 9.72
N CYS B 279 -23.73 1.89 8.82
CA CYS B 279 -22.64 0.92 8.95
C CYS B 279 -21.30 1.64 8.70
N TRP B 280 -21.36 2.82 8.07
CA TRP B 280 -20.14 3.45 7.51
C TRP B 280 -19.89 4.86 8.05
N GLU B 281 -20.37 5.18 9.24
CA GLU B 281 -19.93 6.41 9.94
C GLU B 281 -18.43 6.20 10.25
N PHE B 282 -17.63 7.23 10.10
CA PHE B 282 -16.14 7.10 10.12
C PHE B 282 -15.70 6.48 11.46
N GLN B 283 -16.38 6.86 12.54
CA GLN B 283 -16.00 6.57 13.94
C GLN B 283 -16.75 5.34 14.44
N PRO B 284 -16.02 4.31 14.94
CA PRO B 284 -16.64 3.07 15.38
C PRO B 284 -17.82 3.30 16.32
N SER B 285 -17.68 4.21 17.28
CA SER B 285 -18.70 4.47 18.32
C SER B 285 -20.00 5.03 17.69
N ASN B 286 -19.95 5.59 16.46
CA ASN B 286 -21.12 6.25 15.82
C ASN B 286 -21.87 5.33 14.85
N ARG B 287 -21.34 4.12 14.59
CA ARG B 287 -21.96 3.13 13.68
C ARG B 287 -23.08 2.42 14.44
N THR B 288 -24.10 1.98 13.71
CA THR B 288 -25.25 1.15 14.16
C THR B 288 -24.75 -0.17 14.72
N SER B 289 -25.54 -0.80 15.59
CA SER B 289 -25.33 -2.16 16.14
C SER B 289 -25.96 -3.16 15.18
N PHE B 290 -25.63 -4.44 15.30
CA PHE B 290 -26.33 -5.50 14.54
C PHE B 290 -27.78 -5.57 14.99
N GLN B 291 -28.03 -5.38 16.31
CA GLN B 291 -29.42 -5.42 16.79
C GLN B 291 -30.26 -4.29 16.13
N ASN B 292 -29.71 -3.09 15.97
CA ASN B 292 -30.45 -1.93 15.38
C ASN B 292 -30.75 -2.23 13.89
N LEU B 293 -29.78 -2.82 13.19
CA LEU B 293 -29.95 -3.25 11.77
C LEU B 293 -31.09 -4.27 11.65
N ILE B 294 -31.09 -5.31 12.47
CA ILE B 294 -32.18 -6.33 12.47
C ILE B 294 -33.53 -5.62 12.64
N GLU B 295 -33.63 -4.73 13.63
CA GLU B 295 -34.87 -3.97 13.85
C GLU B 295 -35.21 -3.13 12.63
N GLY B 296 -34.26 -2.37 12.06
CA GLY B 296 -34.52 -1.60 10.83
C GLY B 296 -35.08 -2.46 9.71
N PHE B 297 -34.44 -3.59 9.37
CA PHE B 297 -34.90 -4.48 8.27
C PHE B 297 -36.29 -5.07 8.56
N GLU B 298 -36.49 -5.61 9.77
CA GLU B 298 -37.81 -6.16 10.17
C GLU B 298 -38.88 -5.08 10.02
N ALA B 299 -38.57 -3.84 10.34
CA ALA B 299 -39.53 -2.73 10.14
C ALA B 299 -39.89 -2.63 8.65
N LEU B 300 -38.88 -2.69 7.78
CA LEU B 300 -39.11 -2.55 6.32
C LEU B 300 -39.90 -3.75 5.76
N LEU B 301 -39.87 -4.91 6.42
CA LEU B 301 -40.47 -6.18 5.94
C LEU B 301 -41.94 -6.29 6.33
N LYS B 302 -42.43 -5.50 7.30
CA LYS B 302 -43.83 -5.58 7.80
C LYS B 302 -44.85 -5.44 6.65
N1 KH5 C . 24.37 8.17 -12.26
N2 KH5 C . 23.27 8.91 -12.56
C1 KH5 C . 23.55 10.01 -13.29
C2 KH5 C . 24.91 9.99 -13.50
C3 KH5 C . 25.37 8.81 -12.82
N3 KH5 C . 26.71 8.37 -12.76
C4 KH5 C . 27.10 7.14 -12.41
O1 KH5 C . 26.31 6.31 -11.98
C5 KH5 C . 28.56 6.90 -12.52
C6 KH5 C . 29.06 5.54 -12.94
C7 KH5 C . 29.20 5.96 -11.53
C8 KH5 C . 25.84 10.88 -14.22
O2 KH5 C . 27.05 10.65 -14.24
N4 KH5 C . 25.31 11.97 -14.78
C9 KH5 C . 21.94 8.51 -12.01
C10 KH5 C . 20.81 9.15 -12.82
C11 KH5 C . 19.46 8.64 -12.38
N5 KH5 C . 19.38 7.19 -12.56
C12 KH5 C . 20.39 6.53 -11.71
C13 KH5 C . 21.79 6.99 -12.08
C14 KH5 C . 18.04 6.71 -12.19
C15 KH5 C . 16.97 7.06 -13.21
C16 KH5 C . 16.05 8.07 -12.97
C17 KH5 C . 15.05 8.36 -13.88
C18 KH5 C . 14.93 7.64 -15.07
C19 KH5 C . 15.85 6.61 -15.29
C20 KH5 C . 16.86 6.34 -14.38
C21 KH5 C . 13.91 7.92 -16.01
C22 KH5 C . 12.57 7.89 -15.63
C23 KH5 C . 11.56 8.12 -16.57
C24 KH5 C . 11.87 8.34 -17.89
C25 KH5 C . 13.19 8.34 -18.28
C26 KH5 C . 14.20 8.10 -17.36
C27 KH5 C . 21.85 8.95 -10.52
C28 KH5 C . 21.78 10.38 -10.29
N6 KH5 C . 21.80 11.52 -10.15
N1 KH5 D . -17.79 -22.81 -0.36
N2 KH5 D . -17.18 -22.54 0.81
C1 KH5 D . -17.59 -23.34 1.82
C2 KH5 D . -18.58 -24.12 1.31
C3 KH5 D . -18.63 -23.78 -0.09
N3 KH5 D . -19.51 -24.30 -1.06
C4 KH5 D . -19.40 -24.14 -2.40
O1 KH5 D . -18.53 -23.45 -2.92
C5 KH5 D . -20.39 -24.90 -3.18
C6 KH5 D . -19.97 -25.42 -4.52
C7 KH5 D . -20.90 -24.28 -4.45
C8 KH5 D . -19.42 -25.18 1.89
O2 KH5 D . -20.21 -25.79 1.20
N4 KH5 D . -19.21 -25.48 3.17
C9 KH5 D . -16.09 -21.43 0.86
C10 KH5 D . -15.12 -21.65 2.05
C11 KH5 D . -13.90 -20.72 1.99
N5 KH5 D . -13.19 -20.88 0.72
C12 KH5 D . -14.08 -20.58 -0.40
C13 KH5 D . -15.24 -21.50 -0.43
C14 KH5 D . -12.03 -19.98 0.66
C15 KH5 D . -10.93 -20.35 1.62
C16 KH5 D . -10.70 -19.60 2.76
C17 KH5 D . -9.67 -19.94 3.63
C18 KH5 D . -8.82 -21.01 3.35
C19 KH5 D . -9.06 -21.75 2.21
C20 KH5 D . -10.10 -21.42 1.35
C21 KH5 D . -7.77 -21.35 4.24
C22 KH5 D . -6.84 -20.40 4.65
C23 KH5 D . -5.83 -20.72 5.53
C24 KH5 D . -5.72 -22.01 6.01
C25 KH5 D . -6.62 -22.97 5.61
C26 KH5 D . -7.63 -22.64 4.71
C27 KH5 D . -16.78 -20.05 0.96
C28 KH5 D . -17.53 -19.80 2.18
N6 KH5 D . -18.07 -19.57 3.15
#